data_7YMJ
#
_entry.id   7YMJ
#
_cell.length_a   1.00
_cell.length_b   1.00
_cell.length_c   1.00
_cell.angle_alpha   90.00
_cell.angle_beta   90.00
_cell.angle_gamma   90.00
#
_symmetry.space_group_name_H-M   'P 1'
#
loop_
_entity.id
_entity.type
_entity.pdbx_description
1 polymer 'alpha1A-adrenergic receptor'
2 polymer Nb6
3 non-polymer Tamsulosin
#
loop_
_entity_poly.entity_id
_entity_poly.type
_entity_poly.pdbx_seq_one_letter_code
_entity_poly.pdbx_strand_id
1 'polypeptide(L)'
;MKTIIALSYIFCLVFADYKDDDDAMVFLSGQASDSSQCTQPPAPVQISKAILLGVILGGLILFGVLGNILVILSVACHRH
LHSVTHYYIVNLAVADLLLTSTVLPFSAIFEVLGYWAFGRVFCNIWAAVDVLCCTARIWGLCIISIDRYIGVSYPLRYPT
IVTQRRGLMALLCVWALSLVISIGPLFGWRQPAPEDETICQINEEPGYVLFSALGSFYLPLAIILVMYTLMILRLKSVRL
LSGSREKDRNLRRITRLVLIVVGCFVLCWLPFFLVMPIGSFFPDFKPSETVFKIVFWLGYLNSCINPIIYPCSSQEFKKA
FQNVLRIQCLCRKQSSKHALGYTLHPPSQAVEGQHHHHHHHH
;
A
2 'polypeptide(L)'
;MKYLLPTAAAGLLLLAAQPAMAMAQVQLQESGGGLVQAGESLRLSCAASGTIFRLYDMGWYRRVSGNQRELVASITSGGS
TKYGDSVKGRFTISRDNAKNTVYLQMSSLKPEDTAVYYCNAEYRTGIWEELLDGWGQGTQVTVSSHHHHHH
;
D
#
# COMPACT_ATOMS: atom_id res chain seq x y z
N SER A 48 -25.04 35.16 -14.69
CA SER A 48 -24.87 34.67 -13.33
C SER A 48 -23.71 33.68 -13.26
N LYS A 49 -22.68 34.01 -12.47
CA LYS A 49 -21.52 33.16 -12.32
C LYS A 49 -21.37 32.55 -10.94
N ALA A 50 -22.00 33.14 -9.92
CA ALA A 50 -21.88 32.62 -8.57
C ALA A 50 -22.69 31.34 -8.37
N ILE A 51 -23.72 31.12 -9.17
CA ILE A 51 -24.60 29.96 -8.99
C ILE A 51 -23.89 28.66 -9.34
N LEU A 52 -23.10 28.68 -10.43
CA LEU A 52 -22.37 27.49 -10.87
C LEU A 52 -21.35 27.06 -9.83
N LEU A 53 -20.50 28.00 -9.39
CA LEU A 53 -19.47 27.70 -8.40
C LEU A 53 -20.09 27.31 -7.06
N GLY A 54 -21.19 27.97 -6.68
CA GLY A 54 -21.87 27.62 -5.44
C GLY A 54 -22.44 26.22 -5.45
N VAL A 55 -23.07 25.83 -6.57
CA VAL A 55 -23.67 24.50 -6.69
C VAL A 55 -22.58 23.43 -6.71
N ILE A 56 -21.49 23.66 -7.46
CA ILE A 56 -20.41 22.69 -7.56
C ILE A 56 -19.73 22.46 -6.20
N LEU A 57 -19.35 23.55 -5.53
CA LEU A 57 -18.64 23.40 -4.26
C LEU A 57 -19.56 22.89 -3.15
N GLY A 58 -20.84 23.28 -3.17
CA GLY A 58 -21.77 22.74 -2.19
C GLY A 58 -22.02 21.25 -2.36
N GLY A 59 -22.11 20.80 -3.62
CA GLY A 59 -22.25 19.37 -3.88
C GLY A 59 -21.03 18.57 -3.47
N LEU A 60 -19.84 19.12 -3.72
CA LEU A 60 -18.61 18.42 -3.34
C LEU A 60 -18.46 18.32 -1.81
N ILE A 61 -18.77 19.41 -1.09
CA ILE A 61 -18.69 19.38 0.36
C ILE A 61 -19.74 18.43 0.95
N LEU A 62 -20.96 18.45 0.39
CA LEU A 62 -22.01 17.56 0.88
C LEU A 62 -21.76 16.10 0.51
N PHE A 63 -20.92 15.83 -0.49
CA PHE A 63 -20.46 14.47 -0.73
C PHE A 63 -19.41 14.06 0.30
N GLY A 64 -18.47 14.96 0.61
CA GLY A 64 -17.35 14.61 1.48
C GLY A 64 -17.76 14.37 2.92
N VAL A 65 -18.73 15.14 3.42
CA VAL A 65 -19.19 14.96 4.81
C VAL A 65 -19.83 13.59 4.99
N LEU A 66 -20.69 13.17 4.05
CA LEU A 66 -21.35 11.88 4.18
C LEU A 66 -20.38 10.72 3.97
N GLY A 67 -19.39 10.89 3.10
CA GLY A 67 -18.37 9.85 2.95
C GLY A 67 -17.56 9.64 4.21
N ASN A 68 -17.09 10.73 4.83
CA ASN A 68 -16.29 10.59 6.03
C ASN A 68 -17.11 10.24 7.27
N ILE A 69 -18.43 10.40 7.24
CA ILE A 69 -19.25 9.84 8.32
C ILE A 69 -19.46 8.33 8.11
N LEU A 70 -19.64 7.91 6.86
CA LEU A 70 -19.88 6.51 6.56
C LEU A 70 -18.66 5.64 6.85
N VAL A 71 -17.45 6.18 6.63
CA VAL A 71 -16.22 5.44 6.92
C VAL A 71 -16.08 5.17 8.42
N ILE A 72 -16.43 6.14 9.26
CA ILE A 72 -16.39 5.94 10.71
C ILE A 72 -17.46 4.95 11.16
N LEU A 73 -18.66 5.05 10.56
CA LEU A 73 -19.77 4.22 11.01
C LEU A 73 -19.58 2.75 10.64
N SER A 74 -18.96 2.48 9.48
CA SER A 74 -18.78 1.09 9.05
C SER A 74 -17.77 0.34 9.92
N VAL A 75 -16.78 1.04 10.48
CA VAL A 75 -15.85 0.40 11.39
C VAL A 75 -16.42 0.35 12.80
N ALA A 76 -17.14 1.40 13.22
CA ALA A 76 -17.70 1.43 14.56
C ALA A 76 -18.91 0.53 14.75
N CYS A 77 -19.50 0.01 13.68
CA CYS A 77 -20.62 -0.91 13.84
C CYS A 77 -20.20 -2.37 13.95
N HIS A 78 -19.34 -2.83 13.04
CA HIS A 78 -19.00 -4.25 12.95
C HIS A 78 -18.00 -4.65 14.03
N ARG A 79 -17.90 -5.96 14.25
CA ARG A 79 -17.12 -6.50 15.35
C ARG A 79 -15.82 -7.18 14.93
N HIS A 80 -15.72 -7.69 13.70
CA HIS A 80 -14.50 -8.34 13.25
C HIS A 80 -13.50 -7.35 12.67
N LEU A 81 -13.82 -6.06 12.63
CA LEU A 81 -12.92 -5.02 12.15
C LEU A 81 -12.33 -4.23 13.31
N HIS A 82 -12.02 -4.88 14.42
CA HIS A 82 -11.50 -4.24 15.61
C HIS A 82 -10.05 -4.69 15.80
N SER A 83 -9.12 -3.94 15.22
CA SER A 83 -7.69 -4.17 15.39
C SER A 83 -7.00 -2.81 15.48
N VAL A 84 -5.67 -2.83 15.60
CA VAL A 84 -4.93 -1.59 15.79
C VAL A 84 -4.70 -0.87 14.47
N THR A 85 -4.92 -1.53 13.33
CA THR A 85 -4.71 -0.88 12.06
C THR A 85 -5.90 -0.04 11.64
N HIS A 86 -7.13 -0.50 11.91
CA HIS A 86 -8.32 0.20 11.46
C HIS A 86 -8.62 1.45 12.26
N TYR A 87 -8.12 1.54 13.49
CA TYR A 87 -8.30 2.74 14.30
C TYR A 87 -7.56 3.94 13.71
N TYR A 88 -6.46 3.68 12.99
CA TYR A 88 -5.74 4.75 12.32
C TYR A 88 -6.50 5.27 11.10
N ILE A 89 -7.25 4.38 10.44
CA ILE A 89 -8.14 4.80 9.35
C ILE A 89 -9.29 5.64 9.90
N VAL A 90 -9.79 5.27 11.09
CA VAL A 90 -10.80 6.09 11.77
C VAL A 90 -10.24 7.46 12.15
N ASN A 91 -8.96 7.52 12.51
CA ASN A 91 -8.32 8.81 12.82
C ASN A 91 -8.21 9.70 11.58
N LEU A 92 -7.81 9.14 10.44
CA LEU A 92 -7.77 9.91 9.19
C LEU A 92 -9.15 10.41 8.79
N ALA A 93 -10.18 9.57 8.99
CA ALA A 93 -11.55 9.99 8.70
C ALA A 93 -12.01 11.11 9.63
N VAL A 94 -11.59 11.10 10.89
CA VAL A 94 -11.95 12.16 11.84
C VAL A 94 -11.32 13.49 11.41
N ALA A 95 -10.04 13.46 11.01
CA ALA A 95 -9.38 14.70 10.59
C ALA A 95 -10.00 15.28 9.32
N ASP A 96 -10.30 14.42 8.33
CA ASP A 96 -10.95 14.91 7.11
C ASP A 96 -12.37 15.38 7.36
N LEU A 97 -13.07 14.78 8.33
CA LEU A 97 -14.43 15.23 8.65
C LEU A 97 -14.42 16.60 9.30
N LEU A 98 -13.48 16.85 10.22
CA LEU A 98 -13.37 18.17 10.83
C LEU A 98 -13.00 19.23 9.81
N LEU A 99 -12.09 18.91 8.88
CA LEU A 99 -11.73 19.85 7.82
C LEU A 99 -12.92 20.18 6.92
N THR A 100 -13.54 19.16 6.31
CA THR A 100 -14.64 19.39 5.37
C THR A 100 -15.95 19.81 6.04
N SER A 101 -16.04 19.80 7.37
CA SER A 101 -17.23 20.33 8.03
C SER A 101 -17.01 21.67 8.71
N THR A 102 -15.76 22.13 8.86
CA THR A 102 -15.53 23.42 9.49
C THR A 102 -14.88 24.46 8.59
N VAL A 103 -13.88 24.09 7.79
CA VAL A 103 -13.04 25.10 7.15
C VAL A 103 -13.57 25.49 5.77
N LEU A 104 -13.93 24.50 4.95
CA LEU A 104 -14.22 24.74 3.54
C LEU A 104 -15.44 25.61 3.19
N PRO A 105 -16.56 25.65 3.96
CA PRO A 105 -17.62 26.62 3.62
C PRO A 105 -17.19 28.08 3.66
N PHE A 106 -16.32 28.46 4.58
CA PHE A 106 -15.93 29.87 4.69
C PHE A 106 -14.99 30.29 3.57
N SER A 107 -14.12 29.37 3.14
CA SER A 107 -13.31 29.64 1.95
C SER A 107 -14.17 29.63 0.68
N ALA A 108 -15.26 28.86 0.66
CA ALA A 108 -16.18 28.90 -0.47
C ALA A 108 -16.88 30.26 -0.58
N ILE A 109 -17.39 30.76 0.55
CA ILE A 109 -18.04 32.08 0.56
C ILE A 109 -17.04 33.19 0.25
N PHE A 110 -15.80 33.05 0.74
CA PHE A 110 -14.73 34.01 0.41
C PHE A 110 -14.41 34.00 -1.08
N GLU A 111 -14.43 32.83 -1.73
CA GLU A 111 -14.19 32.80 -3.17
C GLU A 111 -15.37 33.35 -3.96
N VAL A 112 -16.60 33.14 -3.48
CA VAL A 112 -17.77 33.61 -4.21
C VAL A 112 -17.90 35.12 -4.11
N LEU A 113 -17.82 35.67 -2.90
CA LEU A 113 -18.06 37.10 -2.71
C LEU A 113 -16.86 37.94 -3.13
N GLY A 114 -15.73 37.77 -2.44
CA GLY A 114 -14.54 38.52 -2.80
C GLY A 114 -13.92 39.30 -1.67
N TYR A 115 -14.54 39.26 -0.50
CA TYR A 115 -14.02 39.97 0.66
C TYR A 115 -14.53 39.30 1.92
N TRP A 116 -13.72 39.37 2.97
CA TRP A 116 -14.08 38.77 4.25
C TRP A 116 -15.12 39.65 4.94
N ALA A 117 -16.33 39.11 5.13
CA ALA A 117 -17.43 39.90 5.68
C ALA A 117 -17.95 39.31 6.98
N PHE A 118 -17.04 38.92 7.88
CA PHE A 118 -17.44 38.39 9.17
C PHE A 118 -16.72 39.00 10.36
N GLY A 119 -15.73 39.86 10.14
CA GLY A 119 -15.03 40.50 11.24
C GLY A 119 -13.53 40.35 11.17
N ARG A 120 -12.87 40.50 12.30
CA ARG A 120 -11.43 40.36 12.40
C ARG A 120 -10.98 39.17 13.25
N VAL A 121 -11.76 38.82 14.28
CA VAL A 121 -11.37 37.75 15.19
C VAL A 121 -11.48 36.38 14.52
N PHE A 122 -12.39 36.21 13.56
CA PHE A 122 -12.55 34.93 12.90
C PHE A 122 -11.47 34.68 11.84
N CYS A 123 -10.88 35.76 11.31
CA CYS A 123 -9.82 35.67 10.30
C CYS A 123 -8.55 35.03 10.85
N ASN A 124 -8.38 35.00 12.18
CA ASN A 124 -7.24 34.35 12.80
C ASN A 124 -7.54 32.90 13.18
N ILE A 125 -8.76 32.63 13.67
CA ILE A 125 -9.15 31.27 14.05
C ILE A 125 -9.23 30.36 12.83
N TRP A 126 -9.72 30.90 11.71
CA TRP A 126 -9.82 30.11 10.48
C TRP A 126 -8.43 29.75 9.94
N ALA A 127 -7.52 30.74 9.90
CA ALA A 127 -6.16 30.51 9.45
C ALA A 127 -5.30 29.77 10.46
N ALA A 128 -5.79 29.55 11.68
CA ALA A 128 -5.08 28.70 12.62
C ALA A 128 -5.60 27.26 12.66
N VAL A 129 -6.84 27.01 12.23
CA VAL A 129 -7.31 25.63 12.13
C VAL A 129 -6.92 24.99 10.79
N ASP A 130 -6.82 25.85 9.74
CA ASP A 130 -6.51 25.40 8.38
C ASP A 130 -5.17 24.70 8.23
N VAL A 131 -4.22 24.96 9.14
CA VAL A 131 -2.89 24.35 9.07
C VAL A 131 -2.82 23.08 9.91
N LEU A 132 -3.48 23.13 11.07
CA LEU A 132 -3.47 22.02 12.02
C LEU A 132 -4.12 20.77 11.43
N CYS A 133 -5.20 20.94 10.65
CA CYS A 133 -5.88 19.76 10.11
C CYS A 133 -5.02 19.01 9.10
N CYS A 134 -4.33 19.74 8.20
CA CYS A 134 -3.49 19.09 7.20
C CYS A 134 -2.25 18.47 7.82
N THR A 135 -1.67 19.12 8.83
CA THR A 135 -0.50 18.54 9.50
C THR A 135 -0.86 17.25 10.23
N ALA A 136 -2.03 17.21 10.87
CA ALA A 136 -2.44 15.99 11.57
C ALA A 136 -2.71 14.85 10.59
N ARG A 137 -3.25 15.17 9.40
CA ARG A 137 -3.51 14.11 8.42
C ARG A 137 -2.21 13.51 7.87
N ILE A 138 -1.20 14.35 7.60
CA ILE A 138 0.07 13.85 7.06
C ILE A 138 0.80 12.98 8.09
N TRP A 139 0.82 13.41 9.37
CA TRP A 139 1.50 12.58 10.36
C TRP A 139 0.74 11.28 10.67
N GLY A 140 -0.59 11.28 10.49
CA GLY A 140 -1.33 10.02 10.59
C GLY A 140 -0.96 9.02 9.52
N LEU A 141 -0.78 9.49 8.27
CA LEU A 141 -0.30 8.61 7.20
C LEU A 141 1.09 8.04 7.52
N CYS A 142 1.98 8.87 8.08
CA CYS A 142 3.33 8.41 8.42
C CYS A 142 3.30 7.31 9.49
N ILE A 143 2.39 7.43 10.46
CA ILE A 143 2.36 6.38 11.48
C ILE A 143 1.72 5.09 10.98
N ILE A 144 0.80 5.14 9.99
CA ILE A 144 0.32 3.90 9.38
C ILE A 144 1.44 3.20 8.62
N SER A 145 2.32 3.98 7.97
CA SER A 145 3.46 3.37 7.27
C SER A 145 4.42 2.67 8.23
N ILE A 146 4.70 3.29 9.39
CA ILE A 146 5.58 2.66 10.38
C ILE A 146 4.95 1.39 10.94
N ASP A 147 3.63 1.40 11.17
CA ASP A 147 2.94 0.21 11.68
C ASP A 147 2.98 -0.95 10.69
N ARG A 148 2.83 -0.65 9.39
CA ARG A 148 2.89 -1.72 8.40
C ARG A 148 4.30 -2.28 8.25
N TYR A 149 5.33 -1.46 8.43
CA TYR A 149 6.70 -1.99 8.37
C TYR A 149 6.98 -2.95 9.53
N ILE A 150 6.57 -2.57 10.75
CA ILE A 150 6.75 -3.47 11.89
C ILE A 150 5.88 -4.72 11.75
N GLY A 151 4.75 -4.61 11.06
CA GLY A 151 3.92 -5.79 10.84
C GLY A 151 4.50 -6.76 9.83
N VAL A 152 5.16 -6.24 8.79
CA VAL A 152 5.69 -7.13 7.76
C VAL A 152 7.02 -7.76 8.17
N SER A 153 7.93 -6.97 8.76
CA SER A 153 9.28 -7.46 8.99
C SER A 153 9.42 -8.47 10.13
N TYR A 154 8.51 -8.46 11.10
CA TYR A 154 8.52 -9.42 12.22
C TYR A 154 7.15 -10.07 12.31
N PRO A 155 6.85 -11.02 11.43
CA PRO A 155 5.47 -11.52 11.33
C PRO A 155 5.06 -12.50 12.42
N LEU A 156 5.97 -12.92 13.30
CA LEU A 156 5.63 -13.84 14.38
C LEU A 156 5.61 -13.20 15.74
N ARG A 157 6.31 -12.08 15.93
CA ARG A 157 6.32 -11.35 17.19
C ARG A 157 5.65 -9.99 17.05
N TYR A 158 4.59 -9.94 16.24
CA TYR A 158 3.74 -8.75 16.09
C TYR A 158 2.70 -8.54 17.19
N PRO A 159 1.93 -9.53 17.66
CA PRO A 159 0.94 -9.21 18.71
C PRO A 159 1.51 -9.00 20.10
N THR A 160 2.84 -9.02 20.28
CA THR A 160 3.44 -8.63 21.54
C THR A 160 4.17 -7.29 21.46
N ILE A 161 4.59 -6.86 20.27
CA ILE A 161 5.24 -5.57 20.12
C ILE A 161 4.21 -4.45 20.01
N VAL A 162 3.32 -4.54 19.03
CA VAL A 162 2.31 -3.50 18.81
C VAL A 162 1.07 -3.92 19.59
N THR A 163 1.05 -3.56 20.88
CA THR A 163 -0.10 -3.80 21.73
C THR A 163 -1.11 -2.65 21.57
N GLN A 164 -2.13 -2.62 22.43
CA GLN A 164 -3.13 -1.57 22.37
C GLN A 164 -2.63 -0.28 23.03
N ARG A 165 -1.93 -0.42 24.17
CA ARG A 165 -1.43 0.72 24.93
C ARG A 165 -0.43 1.55 24.13
N ARG A 166 0.50 0.88 23.45
CA ARG A 166 1.51 1.61 22.69
C ARG A 166 0.91 2.28 21.45
N GLY A 167 -0.14 1.68 20.88
CA GLY A 167 -0.87 2.35 19.80
C GLY A 167 -1.55 3.62 20.26
N LEU A 168 -2.21 3.58 21.42
CA LEU A 168 -2.90 4.77 21.92
C LEU A 168 -1.90 5.86 22.32
N MET A 169 -0.77 5.48 22.93
CA MET A 169 0.24 6.47 23.29
C MET A 169 0.91 7.06 22.07
N ALA A 170 1.09 6.28 20.99
CA ALA A 170 1.64 6.83 19.76
C ALA A 170 0.66 7.79 19.10
N LEU A 171 -0.65 7.51 19.19
CA LEU A 171 -1.66 8.44 18.70
C LEU A 171 -1.60 9.78 19.44
N LEU A 172 -1.49 9.73 20.77
CA LEU A 172 -1.41 10.96 21.56
C LEU A 172 -0.14 11.75 21.26
N CYS A 173 0.99 11.05 21.05
CA CYS A 173 2.24 11.73 20.72
C CYS A 173 2.17 12.39 19.34
N VAL A 174 1.50 11.74 18.38
CA VAL A 174 1.34 12.34 17.05
C VAL A 174 0.47 13.59 17.11
N TRP A 175 -0.63 13.56 17.88
CA TRP A 175 -1.48 14.74 17.97
C TRP A 175 -0.78 15.90 18.69
N ALA A 176 0.03 15.59 19.71
CA ALA A 176 0.76 16.65 20.40
C ALA A 176 1.84 17.27 19.51
N LEU A 177 2.56 16.43 18.74
CA LEU A 177 3.60 16.96 17.86
C LEU A 177 3.00 17.77 16.71
N SER A 178 1.84 17.35 16.20
CA SER A 178 1.16 18.12 15.16
C SER A 178 0.69 19.47 15.68
N LEU A 179 0.13 19.50 16.91
CA LEU A 179 -0.34 20.76 17.48
C LEU A 179 0.81 21.69 17.83
N VAL A 180 1.99 21.16 18.15
CA VAL A 180 3.13 22.04 18.40
C VAL A 180 3.70 22.57 17.09
N ILE A 181 3.95 21.69 16.11
CA ILE A 181 4.63 22.11 14.89
C ILE A 181 3.72 22.87 13.95
N SER A 182 2.39 22.88 14.19
CA SER A 182 1.51 23.67 13.36
C SER A 182 1.45 25.12 13.80
N ILE A 183 1.16 25.36 15.08
CA ILE A 183 1.01 26.71 15.60
C ILE A 183 2.28 27.18 16.33
N GLY A 184 3.42 26.55 16.05
CA GLY A 184 4.69 27.11 16.45
C GLY A 184 5.08 28.36 15.70
N PRO A 185 5.40 28.25 14.41
CA PRO A 185 5.87 29.42 13.67
C PRO A 185 4.79 30.43 13.29
N LEU A 186 3.51 30.11 13.53
CA LEU A 186 2.44 31.06 13.24
C LEU A 186 2.47 32.24 14.22
N PHE A 187 2.87 31.99 15.47
CA PHE A 187 3.01 33.04 16.47
C PHE A 187 4.45 33.52 16.62
N GLY A 188 5.33 33.19 15.68
CA GLY A 188 6.71 33.60 15.76
C GLY A 188 7.09 34.61 14.69
N TRP A 189 6.47 34.51 13.52
CA TRP A 189 6.68 35.47 12.43
C TRP A 189 5.49 36.41 12.28
N ARG A 190 4.95 36.88 13.42
CA ARG A 190 3.73 37.68 13.43
C ARG A 190 4.00 39.07 12.87
N GLN A 191 3.24 39.44 11.84
CA GLN A 191 3.30 40.73 11.16
C GLN A 191 2.10 41.59 11.57
N PRO A 192 2.23 42.91 11.57
CA PRO A 192 1.08 43.78 11.87
C PRO A 192 -0.01 43.69 10.81
N ALA A 193 -1.25 44.07 11.23
CA ALA A 193 -2.56 44.00 10.59
C ALA A 193 -2.87 45.31 9.87
N PRO A 194 -3.60 45.26 8.76
CA PRO A 194 -4.02 46.49 8.07
C PRO A 194 -5.21 47.12 8.76
N GLU A 195 -5.71 48.20 8.16
CA GLU A 195 -6.74 49.05 8.75
C GLU A 195 -7.96 49.18 7.86
N ASP A 196 -8.42 48.05 7.30
CA ASP A 196 -9.65 48.06 6.51
C ASP A 196 -10.57 46.93 6.95
N GLU A 197 -9.97 45.86 7.49
CA GLU A 197 -10.60 44.68 8.11
C GLU A 197 -11.56 43.92 7.21
N THR A 198 -11.62 44.23 5.92
CA THR A 198 -12.35 43.42 4.94
C THR A 198 -11.43 42.61 4.06
N ILE A 199 -10.23 42.29 4.55
CA ILE A 199 -9.24 41.50 3.83
C ILE A 199 -8.59 40.54 4.80
N CYS A 200 -8.32 39.31 4.33
CA CYS A 200 -7.75 38.24 5.15
C CYS A 200 -6.68 37.55 4.29
N GLN A 201 -5.44 37.99 4.44
CA GLN A 201 -4.32 37.51 3.65
C GLN A 201 -3.39 36.66 4.52
N ILE A 202 -2.36 36.11 3.89
CA ILE A 202 -1.45 35.18 4.54
C ILE A 202 -0.03 35.73 4.48
N ASN A 203 0.85 35.11 5.28
CA ASN A 203 2.23 35.55 5.39
C ASN A 203 3.05 35.14 4.17
N GLU A 204 4.09 35.93 3.87
CA GLU A 204 5.04 35.58 2.82
C GLU A 204 6.47 35.87 3.25
N GLU A 205 6.77 35.80 4.55
CA GLU A 205 8.16 35.83 4.99
C GLU A 205 8.82 34.52 4.59
N PRO A 206 10.03 34.56 3.99
CA PRO A 206 10.68 33.30 3.55
C PRO A 206 11.05 32.36 4.68
N GLY A 207 11.27 32.87 5.89
CA GLY A 207 11.53 31.98 7.02
C GLY A 207 10.33 31.13 7.39
N TYR A 208 9.14 31.73 7.39
CA TYR A 208 7.93 30.99 7.73
C TYR A 208 7.57 29.99 6.64
N VAL A 209 7.72 30.39 5.38
CA VAL A 209 7.42 29.50 4.25
C VAL A 209 8.40 28.33 4.23
N LEU A 210 9.68 28.59 4.49
CA LEU A 210 10.68 27.54 4.53
C LEU A 210 10.44 26.58 5.69
N PHE A 211 10.14 27.12 6.88
CA PHE A 211 9.90 26.28 8.06
C PHE A 211 8.65 25.43 7.88
N SER A 212 7.57 25.99 7.33
CA SER A 212 6.34 25.23 7.18
C SER A 212 6.46 24.17 6.10
N ALA A 213 7.07 24.51 4.96
CA ALA A 213 7.25 23.52 3.90
C ALA A 213 8.27 22.46 4.25
N LEU A 214 9.19 22.73 5.18
CA LEU A 214 10.13 21.71 5.60
C LEU A 214 9.60 20.85 6.74
N GLY A 215 8.72 21.39 7.58
CA GLY A 215 8.22 20.61 8.70
C GLY A 215 6.85 20.01 8.52
N SER A 216 6.16 20.29 7.41
CA SER A 216 4.84 19.70 7.20
C SER A 216 4.74 18.75 6.02
N PHE A 217 5.62 18.84 5.02
CA PHE A 217 5.52 17.95 3.88
C PHE A 217 6.77 17.10 3.66
N TYR A 218 7.96 17.70 3.64
CA TYR A 218 9.15 16.95 3.24
C TYR A 218 9.76 16.12 4.35
N LEU A 219 9.35 16.31 5.60
CA LEU A 219 9.86 15.44 6.65
C LEU A 219 9.16 14.08 6.76
N PRO A 220 7.81 13.94 6.67
CA PRO A 220 7.26 12.58 6.67
C PRO A 220 7.43 11.82 5.36
N LEU A 221 7.67 12.51 4.25
CA LEU A 221 7.76 11.86 2.95
C LEU A 221 8.99 10.97 2.87
N ALA A 222 10.10 11.38 3.49
CA ALA A 222 11.32 10.57 3.48
C ALA A 222 11.14 9.30 4.29
N ILE A 223 10.44 9.40 5.43
CA ILE A 223 10.18 8.24 6.28
C ILE A 223 9.28 7.24 5.55
N ILE A 224 8.27 7.74 4.84
CA ILE A 224 7.36 6.88 4.09
C ILE A 224 8.10 6.15 2.98
N LEU A 225 8.97 6.86 2.23
CA LEU A 225 9.66 6.22 1.13
C LEU A 225 10.73 5.22 1.59
N VAL A 226 11.40 5.49 2.72
CA VAL A 226 12.38 4.53 3.24
C VAL A 226 11.71 3.25 3.71
N MET A 227 10.59 3.39 4.45
CA MET A 227 9.87 2.21 4.93
C MET A 227 9.31 1.38 3.79
N TYR A 228 8.77 2.03 2.76
CA TYR A 228 8.18 1.26 1.67
C TYR A 228 9.24 0.64 0.77
N THR A 229 10.42 1.25 0.66
CA THR A 229 11.50 0.62 -0.11
C THR A 229 11.98 -0.67 0.55
N LEU A 230 12.22 -0.63 1.88
CA LEU A 230 12.63 -1.85 2.57
C LEU A 230 11.54 -2.92 2.55
N MET A 231 10.27 -2.51 2.66
CA MET A 231 9.18 -3.47 2.67
C MET A 231 8.99 -4.12 1.30
N ILE A 232 9.21 -3.37 0.22
CA ILE A 232 9.06 -3.93 -1.13
C ILE A 232 10.20 -4.90 -1.43
N LEU A 233 11.42 -4.60 -0.95
CA LEU A 233 12.53 -5.55 -1.13
C LEU A 233 12.28 -6.85 -0.37
N ARG A 234 11.74 -6.77 0.85
CA ARG A 234 11.48 -7.99 1.60
C ARG A 234 10.34 -8.81 0.98
N LEU A 235 9.28 -8.15 0.49
CA LEU A 235 8.20 -8.89 -0.17
C LEU A 235 8.66 -9.50 -1.49
N LYS A 236 9.64 -8.88 -2.16
CA LYS A 236 10.14 -9.46 -3.39
C LYS A 236 11.02 -10.69 -3.14
N SER A 237 11.81 -10.68 -2.08
CA SER A 237 12.85 -11.71 -1.92
C SER A 237 12.40 -12.97 -1.17
N VAL A 238 11.18 -13.04 -0.63
CA VAL A 238 10.80 -14.11 0.30
C VAL A 238 9.76 -15.01 -0.37
N ARG A 239 9.59 -16.22 0.19
CA ARG A 239 8.69 -17.23 -0.35
C ARG A 239 7.36 -17.31 0.41
N LEU A 240 7.41 -17.57 1.72
CA LEU A 240 6.21 -17.75 2.54
C LEU A 240 6.42 -17.01 3.85
N LEU A 241 5.54 -16.05 4.14
CA LEU A 241 5.78 -15.11 5.22
C LEU A 241 5.50 -15.72 6.59
N SER A 242 4.24 -16.09 6.85
CA SER A 242 3.80 -16.40 8.21
C SER A 242 3.59 -17.89 8.44
N GLY A 243 4.11 -18.75 7.57
CA GLY A 243 4.01 -20.18 7.80
C GLY A 243 2.75 -20.83 7.29
N SER A 244 1.90 -20.09 6.59
CA SER A 244 0.69 -20.66 5.99
C SER A 244 0.35 -19.86 4.75
N ARG A 245 -0.46 -20.46 3.87
CA ARG A 245 -0.83 -19.78 2.65
C ARG A 245 -1.85 -18.69 2.91
N GLU A 246 -2.76 -18.92 3.86
CA GLU A 246 -3.86 -17.99 4.09
C GLU A 246 -3.39 -16.71 4.77
N LYS A 247 -2.50 -16.83 5.76
CA LYS A 247 -1.99 -15.65 6.43
C LYS A 247 -1.07 -14.84 5.52
N ASP A 248 -0.34 -15.52 4.62
CA ASP A 248 0.48 -14.84 3.63
C ASP A 248 -0.38 -14.05 2.65
N ARG A 249 -1.41 -14.68 2.08
CA ARG A 249 -2.25 -13.98 1.11
C ARG A 249 -3.19 -12.97 1.77
N ASN A 250 -3.38 -13.03 3.09
CA ASN A 250 -4.10 -11.97 3.77
C ASN A 250 -3.18 -10.81 4.13
N LEU A 251 -1.90 -11.09 4.40
CA LEU A 251 -0.94 -10.04 4.70
C LEU A 251 -0.50 -9.27 3.46
N ARG A 252 -0.60 -9.88 2.27
CA ARG A 252 -0.09 -9.22 1.08
C ARG A 252 -1.03 -8.19 0.46
N ARG A 253 -2.18 -7.87 1.08
CA ARG A 253 -3.16 -6.99 0.45
C ARG A 253 -3.36 -5.65 1.15
N ILE A 254 -3.18 -5.59 2.47
CA ILE A 254 -3.29 -4.33 3.20
C ILE A 254 -2.17 -3.37 2.78
N THR A 255 -1.00 -3.93 2.46
CA THR A 255 0.12 -3.12 1.96
C THR A 255 -0.24 -2.47 0.62
N ARG A 256 -0.98 -3.20 -0.22
CA ARG A 256 -1.41 -2.64 -1.51
C ARG A 256 -2.43 -1.54 -1.32
N LEU A 257 -3.36 -1.72 -0.36
CA LEU A 257 -4.35 -0.68 -0.07
C LEU A 257 -3.70 0.61 0.45
N VAL A 258 -2.71 0.47 1.33
CA VAL A 258 -2.03 1.67 1.84
C VAL A 258 -1.16 2.30 0.77
N LEU A 259 -0.63 1.51 -0.18
CA LEU A 259 0.05 2.11 -1.34
C LEU A 259 -0.89 2.95 -2.18
N ILE A 260 -2.13 2.50 -2.37
CA ILE A 260 -3.09 3.29 -3.15
C ILE A 260 -3.42 4.60 -2.44
N VAL A 261 -3.56 4.56 -1.11
CA VAL A 261 -3.87 5.77 -0.34
C VAL A 261 -2.73 6.79 -0.42
N VAL A 262 -1.48 6.33 -0.22
CA VAL A 262 -0.33 7.23 -0.26
C VAL A 262 -0.10 7.77 -1.67
N GLY A 263 -0.36 6.95 -2.69
CA GLY A 263 -0.21 7.40 -4.06
C GLY A 263 -1.24 8.44 -4.47
N CYS A 264 -2.45 8.38 -3.91
CA CYS A 264 -3.39 9.46 -4.15
C CYS A 264 -2.98 10.75 -3.43
N PHE A 265 -2.53 10.63 -2.17
CA PHE A 265 -2.21 11.80 -1.37
C PHE A 265 -1.04 12.60 -1.94
N VAL A 266 0.01 11.92 -2.41
CA VAL A 266 1.20 12.61 -2.91
C VAL A 266 0.87 13.35 -4.21
N LEU A 267 0.15 12.69 -5.12
CA LEU A 267 -0.28 13.31 -6.37
C LEU A 267 -1.19 14.52 -6.14
N CYS A 268 -2.03 14.49 -5.11
CA CYS A 268 -2.87 15.65 -4.89
C CYS A 268 -2.13 16.80 -4.22
N TRP A 269 -1.26 16.54 -3.25
CA TRP A 269 -0.66 17.63 -2.48
C TRP A 269 0.73 18.05 -2.92
N LEU A 270 1.30 17.48 -3.98
CA LEU A 270 2.63 17.92 -4.39
C LEU A 270 2.73 19.28 -5.12
N PRO A 271 1.87 19.65 -6.10
CA PRO A 271 2.10 20.91 -6.81
C PRO A 271 1.98 22.18 -5.98
N PHE A 272 1.17 22.18 -4.91
CA PHE A 272 1.08 23.36 -4.05
C PHE A 272 2.39 23.59 -3.30
N PHE A 273 2.90 22.54 -2.65
CA PHE A 273 4.16 22.61 -1.93
C PHE A 273 5.37 22.60 -2.86
N LEU A 274 5.16 22.54 -4.17
CA LEU A 274 6.24 22.78 -5.12
C LEU A 274 6.17 24.15 -5.78
N VAL A 275 4.99 24.77 -5.87
CA VAL A 275 4.88 26.07 -6.50
C VAL A 275 4.94 27.22 -5.48
N MET A 276 4.72 26.94 -4.20
CA MET A 276 4.76 28.04 -3.23
C MET A 276 6.17 28.55 -2.87
N PRO A 277 7.14 27.72 -2.44
CA PRO A 277 8.42 28.31 -2.01
C PRO A 277 9.29 28.81 -3.15
N ILE A 278 9.10 28.33 -4.38
CA ILE A 278 9.83 28.86 -5.52
C ILE A 278 9.40 30.30 -5.80
N GLY A 279 8.09 30.56 -5.78
CA GLY A 279 7.62 31.92 -5.91
C GLY A 279 7.87 32.78 -4.70
N SER A 280 8.02 32.17 -3.51
CA SER A 280 8.30 32.97 -2.32
C SER A 280 9.76 33.38 -2.24
N PHE A 281 10.68 32.50 -2.65
CA PHE A 281 12.11 32.83 -2.57
C PHE A 281 12.57 33.65 -3.76
N PHE A 282 12.44 33.10 -4.97
CA PHE A 282 12.88 33.78 -6.18
C PHE A 282 11.69 34.51 -6.79
N PRO A 283 11.60 35.83 -6.69
CA PRO A 283 10.40 36.55 -7.11
C PRO A 283 10.28 36.79 -8.61
N ASP A 284 11.12 36.16 -9.43
CA ASP A 284 11.02 36.36 -10.88
C ASP A 284 9.98 35.45 -11.51
N PHE A 285 9.94 34.17 -11.08
CA PHE A 285 9.05 33.18 -11.67
C PHE A 285 7.77 33.00 -10.86
N LYS A 286 7.29 34.06 -10.22
CA LYS A 286 6.02 33.99 -9.51
C LYS A 286 4.87 33.90 -10.53
N PRO A 287 3.93 32.98 -10.35
CA PRO A 287 2.83 32.84 -11.31
C PRO A 287 1.72 33.84 -11.02
N SER A 288 0.68 33.78 -11.85
CA SER A 288 -0.42 34.73 -11.77
C SER A 288 -1.38 34.36 -10.63
N GLU A 289 -2.45 35.13 -10.52
CA GLU A 289 -3.44 34.94 -9.47
C GLU A 289 -4.60 34.04 -9.89
N THR A 290 -4.51 33.43 -11.06
CA THR A 290 -5.56 32.53 -11.53
C THR A 290 -5.12 31.07 -11.58
N VAL A 291 -3.83 30.81 -11.77
CA VAL A 291 -3.31 29.44 -11.69
C VAL A 291 -2.93 29.09 -10.25
N PHE A 292 -2.84 30.08 -9.37
CA PHE A 292 -2.63 29.81 -7.95
C PHE A 292 -3.87 29.21 -7.30
N LYS A 293 -5.05 29.54 -7.81
CA LYS A 293 -6.31 29.17 -7.17
C LYS A 293 -6.77 27.76 -7.49
N ILE A 294 -6.00 26.99 -8.26
CA ILE A 294 -6.32 25.60 -8.51
C ILE A 294 -5.44 24.65 -7.71
N VAL A 295 -4.18 25.02 -7.46
CA VAL A 295 -3.25 24.12 -6.78
C VAL A 295 -3.53 23.96 -5.29
N PHE A 296 -4.38 24.81 -4.70
CA PHE A 296 -4.85 24.56 -3.35
C PHE A 296 -6.30 24.13 -3.29
N TRP A 297 -6.99 24.04 -4.43
CA TRP A 297 -8.30 23.40 -4.45
C TRP A 297 -8.19 21.92 -4.78
N LEU A 298 -7.10 21.52 -5.44
CA LEU A 298 -6.80 20.09 -5.59
C LEU A 298 -6.63 19.41 -4.24
N GLY A 299 -5.96 20.08 -3.30
CA GLY A 299 -5.76 19.53 -1.97
C GLY A 299 -7.02 19.40 -1.15
N TYR A 300 -8.09 20.09 -1.52
CA TYR A 300 -9.37 19.92 -0.86
C TYR A 300 -10.25 18.90 -1.58
N LEU A 301 -10.12 18.82 -2.90
CA LEU A 301 -10.71 17.72 -3.66
C LEU A 301 -10.20 16.37 -3.19
N ASN A 302 -8.95 16.30 -2.73
CA ASN A 302 -8.41 15.06 -2.15
C ASN A 302 -9.21 14.62 -0.93
N SER A 303 -9.50 15.55 -0.03
CA SER A 303 -10.27 15.23 1.17
C SER A 303 -11.72 14.87 0.85
N CYS A 304 -12.26 15.44 -0.24
CA CYS A 304 -13.61 15.03 -0.63
C CYS A 304 -13.64 13.74 -1.46
N ILE A 305 -12.52 13.33 -2.06
CA ILE A 305 -12.50 12.15 -2.95
C ILE A 305 -11.93 10.91 -2.28
N ASN A 306 -11.32 11.06 -1.09
CA ASN A 306 -10.74 9.91 -0.39
C ASN A 306 -11.64 8.73 -0.06
N PRO A 307 -12.93 8.88 0.40
CA PRO A 307 -13.64 7.68 0.88
C PRO A 307 -14.22 6.76 -0.18
N ILE A 308 -13.81 6.90 -1.44
CA ILE A 308 -14.24 5.97 -2.48
C ILE A 308 -13.21 4.88 -2.73
N ILE A 309 -12.02 4.98 -2.14
CA ILE A 309 -10.96 4.00 -2.37
C ILE A 309 -11.29 2.68 -1.66
N TYR A 310 -11.86 2.76 -0.46
CA TYR A 310 -12.12 1.57 0.35
C TYR A 310 -13.23 0.63 -0.18
N PRO A 311 -14.34 1.09 -0.78
CA PRO A 311 -15.26 0.09 -1.37
C PRO A 311 -14.75 -0.55 -2.64
N CYS A 312 -13.96 0.17 -3.45
CA CYS A 312 -13.54 -0.38 -4.74
C CYS A 312 -12.44 -1.42 -4.57
N SER A 313 -11.50 -1.19 -3.67
CA SER A 313 -10.29 -2.02 -3.55
C SER A 313 -10.34 -2.94 -2.33
N SER A 314 -11.52 -3.46 -2.00
CA SER A 314 -11.67 -4.38 -0.88
C SER A 314 -12.93 -5.21 -1.08
N GLN A 315 -13.15 -6.15 -0.15
CA GLN A 315 -14.35 -6.99 -0.15
C GLN A 315 -15.01 -7.09 1.21
N GLU A 316 -14.35 -6.68 2.29
CA GLU A 316 -15.02 -6.53 3.58
C GLU A 316 -15.60 -5.13 3.75
N PHE A 317 -14.96 -4.12 3.15
CA PHE A 317 -15.46 -2.75 3.25
C PHE A 317 -16.72 -2.57 2.42
N LYS A 318 -16.84 -3.26 1.29
CA LYS A 318 -18.06 -3.18 0.48
C LYS A 318 -19.23 -3.81 1.19
N LYS A 319 -19.02 -4.98 1.80
CA LYS A 319 -20.07 -5.65 2.56
C LYS A 319 -20.45 -4.84 3.80
N ALA A 320 -19.47 -4.20 4.46
CA ALA A 320 -19.75 -3.39 5.63
C ALA A 320 -20.53 -2.12 5.25
N PHE A 321 -20.18 -1.49 4.12
CA PHE A 321 -20.90 -0.31 3.66
C PHE A 321 -22.34 -0.65 3.27
N GLN A 322 -22.53 -1.79 2.59
CA GLN A 322 -23.88 -2.21 2.23
C GLN A 322 -24.71 -2.59 3.45
N ASN A 323 -24.07 -3.19 4.46
CA ASN A 323 -24.79 -3.53 5.69
C ASN A 323 -25.14 -2.30 6.50
N VAL A 324 -24.30 -1.26 6.47
CA VAL A 324 -24.63 -0.02 7.17
C VAL A 324 -25.75 0.72 6.43
N LEU A 325 -25.69 0.76 5.11
CA LEU A 325 -26.76 1.39 4.33
C LEU A 325 -28.05 0.58 4.32
N ARG A 326 -28.02 -0.70 4.73
CA ARG A 326 -29.24 -1.49 4.83
C ARG A 326 -30.15 -0.97 5.94
N ILE A 327 -29.59 -0.48 7.03
CA ILE A 327 -30.38 0.03 8.15
C ILE A 327 -30.96 1.39 7.82
N GLN B 25 -2.12 -19.12 -16.02
CA GLN B 25 -2.22 -20.06 -17.14
C GLN B 25 -0.85 -20.61 -17.51
N VAL B 26 -0.21 -21.27 -16.56
CA VAL B 26 1.15 -21.78 -16.74
C VAL B 26 1.06 -23.29 -17.01
N GLN B 27 1.75 -23.74 -18.05
CA GLN B 27 1.71 -25.13 -18.46
C GLN B 27 3.12 -25.72 -18.51
N LEU B 28 3.22 -26.99 -18.14
CA LEU B 28 4.49 -27.70 -18.09
C LEU B 28 4.56 -28.74 -19.20
N GLN B 29 5.77 -28.98 -19.70
CA GLN B 29 6.02 -29.95 -20.76
C GLN B 29 7.19 -30.84 -20.35
N GLU B 30 7.03 -32.14 -20.54
CA GLU B 30 8.03 -33.13 -20.20
C GLU B 30 8.61 -33.74 -21.46
N SER B 31 9.81 -34.33 -21.32
CA SER B 31 10.47 -34.98 -22.44
C SER B 31 11.51 -35.96 -21.91
N GLY B 32 11.86 -36.93 -22.74
CA GLY B 32 12.94 -37.84 -22.45
C GLY B 32 12.55 -39.29 -22.19
N GLY B 33 11.38 -39.73 -22.62
CA GLY B 33 10.96 -41.10 -22.37
C GLY B 33 11.68 -42.11 -23.25
N GLY B 34 11.44 -43.38 -22.94
CA GLY B 34 12.07 -44.45 -23.69
C GLY B 34 11.63 -45.79 -23.16
N LEU B 35 12.15 -46.84 -23.79
CA LEU B 35 11.84 -48.21 -23.39
C LEU B 35 13.00 -49.09 -23.84
N VAL B 36 13.79 -49.59 -22.89
CA VAL B 36 14.95 -50.41 -23.17
C VAL B 36 15.09 -51.47 -22.08
N GLN B 37 16.12 -52.30 -22.20
CA GLN B 37 16.39 -53.35 -21.24
C GLN B 37 17.18 -52.77 -20.06
N ALA B 38 17.40 -53.59 -19.04
CA ALA B 38 18.15 -53.16 -17.87
C ALA B 38 19.63 -52.96 -18.21
N GLY B 39 20.32 -52.23 -17.33
CA GLY B 39 21.71 -51.89 -17.57
C GLY B 39 21.88 -50.86 -18.66
N GLU B 40 21.40 -49.64 -18.42
CA GLU B 40 21.46 -48.56 -19.39
C GLU B 40 21.39 -47.24 -18.65
N SER B 41 21.17 -46.15 -19.38
CA SER B 41 21.11 -44.82 -18.80
C SER B 41 20.19 -43.95 -19.62
N LEU B 42 19.54 -42.99 -18.96
CA LEU B 42 18.60 -42.10 -19.61
C LEU B 42 18.59 -40.75 -18.92
N ARG B 43 17.89 -39.80 -19.54
CA ARG B 43 17.79 -38.44 -19.02
C ARG B 43 16.40 -37.89 -19.33
N LEU B 44 15.71 -37.43 -18.28
CA LEU B 44 14.40 -36.81 -18.40
C LEU B 44 14.52 -35.31 -18.18
N SER B 45 13.57 -34.56 -18.72
CA SER B 45 13.59 -33.11 -18.59
C SER B 45 12.16 -32.57 -18.49
N CYS B 46 12.01 -31.45 -17.78
CA CYS B 46 10.73 -30.79 -17.56
C CYS B 46 10.94 -29.29 -17.67
N ALA B 47 9.98 -28.60 -18.30
CA ALA B 47 10.14 -27.18 -18.57
C ALA B 47 8.78 -26.49 -18.53
N ALA B 48 8.77 -25.27 -17.98
CA ALA B 48 7.55 -24.49 -17.81
C ALA B 48 7.41 -23.45 -18.91
N SER B 49 6.17 -23.03 -19.14
CA SER B 49 5.87 -22.00 -20.12
C SER B 49 4.59 -21.29 -19.74
N GLY B 50 4.59 -19.97 -19.88
CA GLY B 50 3.43 -19.15 -19.56
C GLY B 50 3.88 -17.83 -18.99
N THR B 51 2.98 -17.20 -18.23
CA THR B 51 3.27 -15.95 -17.54
C THR B 51 3.62 -16.27 -16.10
N ILE B 52 4.88 -16.06 -15.72
CA ILE B 52 5.38 -16.39 -14.39
C ILE B 52 6.11 -15.19 -13.82
N PHE B 53 5.93 -14.97 -12.52
CA PHE B 53 6.73 -13.99 -11.80
C PHE B 53 8.01 -14.63 -11.27
N ARG B 54 7.89 -15.81 -10.64
CA ARG B 54 9.04 -16.56 -10.15
C ARG B 54 8.61 -18.02 -10.00
N LEU B 55 9.59 -18.91 -9.96
CA LEU B 55 9.38 -20.33 -9.69
C LEU B 55 10.17 -20.71 -8.45
N TYR B 56 9.57 -21.49 -7.56
CA TYR B 56 10.13 -21.71 -6.23
C TYR B 56 10.57 -23.14 -5.96
N ASP B 57 10.01 -24.13 -6.65
CA ASP B 57 10.29 -25.53 -6.34
C ASP B 57 9.89 -26.39 -7.53
N MET B 58 10.61 -27.50 -7.67
CA MET B 58 10.34 -28.51 -8.69
C MET B 58 10.54 -29.88 -8.06
N GLY B 59 10.36 -30.93 -8.84
CA GLY B 59 10.53 -32.27 -8.32
C GLY B 59 10.10 -33.32 -9.32
N TRP B 60 10.14 -34.57 -8.86
CA TRP B 60 9.73 -35.72 -9.65
C TRP B 60 9.04 -36.73 -8.75
N TYR B 61 7.98 -37.36 -9.26
CA TYR B 61 7.20 -38.30 -8.47
C TYR B 61 6.93 -39.57 -9.27
N ARG B 62 7.08 -40.71 -8.62
CA ARG B 62 6.94 -42.01 -9.28
C ARG B 62 5.50 -42.51 -9.23
N ARG B 63 5.22 -43.45 -10.13
CA ARG B 63 3.97 -44.22 -10.21
C ARG B 63 2.72 -43.37 -10.32
N GLN B 68 -0.93 -42.73 -7.61
CA GLN B 68 0.10 -42.98 -6.60
C GLN B 68 1.18 -41.92 -6.66
N ARG B 69 1.45 -41.29 -5.53
CA ARG B 69 2.45 -40.23 -5.43
C ARG B 69 3.47 -40.57 -4.36
N GLU B 70 4.75 -40.43 -4.70
CA GLU B 70 5.84 -40.66 -3.77
C GLU B 70 7.05 -39.88 -4.26
N LEU B 71 7.85 -39.39 -3.32
CA LEU B 71 8.99 -38.55 -3.66
C LEU B 71 10.17 -39.37 -4.13
N VAL B 72 10.81 -38.92 -5.21
CA VAL B 72 12.07 -39.51 -5.66
C VAL B 72 13.17 -38.48 -5.86
N ALA B 73 12.85 -37.21 -6.10
CA ALA B 73 13.84 -36.15 -6.30
C ALA B 73 13.14 -34.82 -6.17
N SER B 74 13.85 -33.84 -5.59
CA SER B 74 13.31 -32.51 -5.36
C SER B 74 14.45 -31.54 -5.14
N ILE B 75 14.36 -30.38 -5.80
CA ILE B 75 15.37 -29.34 -5.70
C ILE B 75 14.65 -28.05 -5.33
N THR B 76 15.41 -27.05 -4.87
CA THR B 76 14.87 -25.79 -4.41
C THR B 76 15.33 -24.66 -5.31
N SER B 77 15.00 -23.43 -4.91
CA SER B 77 15.41 -22.26 -5.67
C SER B 77 16.89 -21.96 -5.48
N GLY B 78 17.43 -22.21 -4.29
CA GLY B 78 18.82 -21.95 -4.01
C GLY B 78 19.76 -22.98 -4.59
N GLY B 79 19.46 -24.27 -4.39
CA GLY B 79 20.29 -25.33 -4.92
C GLY B 79 20.45 -26.51 -3.99
N SER B 80 19.94 -26.40 -2.76
CA SER B 80 20.08 -27.45 -1.76
C SER B 80 19.17 -28.62 -2.13
N THR B 81 19.76 -29.69 -2.63
CA THR B 81 19.00 -30.81 -3.16
C THR B 81 18.50 -31.72 -2.02
N LYS B 82 17.72 -32.72 -2.41
CA LYS B 82 17.21 -33.73 -1.51
C LYS B 82 16.85 -34.96 -2.33
N TYR B 83 16.63 -36.08 -1.66
CA TYR B 83 16.39 -37.34 -2.35
C TYR B 83 15.32 -38.12 -1.58
N GLY B 84 15.15 -39.39 -1.97
CA GLY B 84 14.14 -40.25 -1.38
C GLY B 84 14.76 -41.50 -0.77
N ASP B 85 13.92 -42.27 -0.09
CA ASP B 85 14.36 -43.45 0.65
C ASP B 85 14.51 -44.68 -0.23
N SER B 86 13.64 -44.86 -1.22
CA SER B 86 13.67 -46.08 -2.03
C SER B 86 14.84 -46.10 -3.01
N VAL B 87 15.43 -44.95 -3.32
CA VAL B 87 16.59 -44.85 -4.19
C VAL B 87 17.77 -44.41 -3.34
N LYS B 88 18.91 -45.07 -3.50
CA LYS B 88 20.11 -44.74 -2.72
C LYS B 88 20.98 -43.70 -3.44
N GLY B 89 20.36 -42.60 -3.85
CA GLY B 89 21.07 -41.47 -4.45
C GLY B 89 21.73 -41.73 -5.78
N ARG B 90 21.40 -42.83 -6.47
CA ARG B 90 22.09 -43.17 -7.72
C ARG B 90 21.65 -42.30 -8.91
N PHE B 91 20.55 -41.57 -8.78
CA PHE B 91 20.14 -40.64 -9.82
C PHE B 91 20.73 -39.25 -9.54
N THR B 92 20.59 -38.36 -10.51
CA THR B 92 21.16 -37.02 -10.37
C THR B 92 20.12 -35.98 -10.76
N ILE B 93 19.95 -34.95 -9.92
CA ILE B 93 19.00 -33.88 -10.14
C ILE B 93 19.76 -32.58 -10.37
N SER B 94 19.35 -31.82 -11.39
CA SER B 94 19.99 -30.57 -11.72
C SER B 94 18.95 -29.61 -12.29
N ARG B 95 19.25 -28.32 -12.20
CA ARG B 95 18.28 -27.27 -12.52
C ARG B 95 18.95 -26.15 -13.31
N ASP B 96 18.34 -25.76 -14.43
CA ASP B 96 18.75 -24.59 -15.18
C ASP B 96 17.72 -23.49 -14.92
N ASN B 97 18.17 -22.40 -14.30
CA ASN B 97 17.27 -21.36 -13.81
C ASN B 97 16.79 -20.44 -14.92
N ALA B 98 17.68 -20.06 -15.84
CA ALA B 98 17.36 -19.02 -16.81
C ALA B 98 16.40 -19.51 -17.90
N LYS B 99 16.27 -20.82 -18.09
CA LYS B 99 15.31 -21.37 -19.04
C LYS B 99 14.15 -22.10 -18.36
N ASN B 100 14.12 -22.09 -17.02
CA ASN B 100 13.09 -22.76 -16.20
C ASN B 100 12.99 -24.25 -16.52
N THR B 101 14.10 -24.95 -16.31
CA THR B 101 14.21 -26.34 -16.72
C THR B 101 14.78 -27.16 -15.57
N VAL B 102 14.24 -28.36 -15.37
CA VAL B 102 14.79 -29.30 -14.40
C VAL B 102 15.03 -30.64 -15.10
N TYR B 103 16.17 -31.25 -14.79
CA TYR B 103 16.57 -32.50 -15.44
C TYR B 103 16.57 -33.64 -14.42
N LEU B 104 16.83 -34.84 -14.94
CA LEU B 104 17.02 -36.02 -14.11
C LEU B 104 17.85 -37.02 -14.89
N GLN B 105 18.99 -37.43 -14.31
CA GLN B 105 19.88 -38.40 -14.93
C GLN B 105 19.74 -39.73 -14.21
N MET B 106 19.38 -40.77 -14.96
CA MET B 106 19.21 -42.12 -14.43
C MET B 106 20.29 -43.03 -15.00
N SER B 107 20.96 -43.78 -14.14
CA SER B 107 22.01 -44.70 -14.55
C SER B 107 21.94 -45.95 -13.68
N SER B 108 22.34 -47.08 -14.29
CA SER B 108 22.32 -48.42 -13.68
C SER B 108 20.91 -48.78 -13.20
N LEU B 109 19.99 -48.87 -14.15
CA LEU B 109 18.59 -49.05 -13.84
C LEU B 109 18.28 -50.49 -13.45
N LYS B 110 17.50 -50.65 -12.39
CA LYS B 110 17.04 -51.93 -11.86
C LYS B 110 15.77 -52.37 -12.58
N PRO B 111 15.48 -53.68 -12.58
CA PRO B 111 14.21 -54.15 -13.17
C PRO B 111 12.96 -53.72 -12.42
N GLU B 112 13.08 -53.27 -11.16
CA GLU B 112 11.94 -52.84 -10.37
C GLU B 112 11.61 -51.36 -10.54
N ASP B 113 12.00 -50.76 -11.67
CA ASP B 113 11.75 -49.34 -11.91
C ASP B 113 10.89 -49.13 -13.15
N THR B 114 9.82 -49.92 -13.28
CA THR B 114 8.88 -49.83 -14.39
C THR B 114 7.61 -49.16 -13.88
N ALA B 115 7.50 -47.86 -14.12
CA ALA B 115 6.35 -47.09 -13.65
C ALA B 115 6.19 -45.85 -14.54
N VAL B 116 5.35 -44.92 -14.10
CA VAL B 116 5.06 -43.69 -14.82
C VAL B 116 5.52 -42.52 -13.95
N TYR B 117 6.33 -41.64 -14.52
CA TYR B 117 6.94 -40.56 -13.77
C TYR B 117 6.27 -39.23 -14.10
N TYR B 118 6.09 -38.40 -13.08
CA TYR B 118 5.39 -37.13 -13.20
C TYR B 118 6.26 -35.99 -12.69
N CYS B 119 6.03 -34.81 -13.26
CA CYS B 119 6.73 -33.58 -12.91
C CYS B 119 5.85 -32.76 -11.96
N ASN B 120 6.38 -31.63 -11.52
CA ASN B 120 5.70 -30.73 -10.59
C ASN B 120 6.44 -29.41 -10.59
N ALA B 121 5.78 -28.37 -10.09
CA ALA B 121 6.37 -27.04 -9.98
C ALA B 121 5.55 -26.21 -9.01
N GLU B 122 6.16 -25.16 -8.50
CA GLU B 122 5.45 -24.12 -7.75
C GLU B 122 5.78 -22.77 -8.35
N TYR B 123 4.81 -21.85 -8.32
CA TYR B 123 5.02 -20.56 -8.96
C TYR B 123 4.16 -19.50 -8.29
N ARG B 124 4.29 -18.28 -8.80
CA ARG B 124 3.50 -17.13 -8.40
C ARG B 124 3.37 -16.24 -9.63
N THR B 125 2.26 -15.51 -9.72
CA THR B 125 1.97 -14.70 -10.90
C THR B 125 1.73 -13.25 -10.54
N GLY B 126 2.51 -12.73 -9.59
CA GLY B 126 2.38 -11.35 -9.16
C GLY B 126 2.91 -11.13 -7.76
N ILE B 127 3.36 -9.92 -7.46
CA ILE B 127 3.96 -9.66 -6.15
C ILE B 127 2.89 -9.57 -5.06
N TRP B 128 1.64 -9.29 -5.42
CA TRP B 128 0.54 -9.20 -4.46
C TRP B 128 -0.41 -10.40 -4.58
N GLU B 129 0.13 -11.60 -4.78
CA GLU B 129 -0.67 -12.75 -5.15
C GLU B 129 -0.44 -13.91 -4.18
N GLU B 130 -0.97 -15.07 -4.54
CA GLU B 130 -0.99 -16.25 -3.69
C GLU B 130 -0.19 -17.37 -4.33
N LEU B 131 0.61 -18.05 -3.50
CA LEU B 131 1.40 -19.19 -3.98
C LEU B 131 0.50 -20.38 -4.29
N LEU B 132 0.63 -20.92 -5.50
CA LEU B 132 -0.16 -22.06 -5.90
C LEU B 132 0.63 -22.90 -6.91
N ASP B 133 0.57 -24.22 -6.75
CA ASP B 133 1.35 -25.14 -7.55
C ASP B 133 0.55 -25.63 -8.77
N GLY B 134 1.10 -26.60 -9.48
CA GLY B 134 0.44 -27.18 -10.64
C GLY B 134 1.18 -28.37 -11.22
N TRP B 135 0.45 -29.45 -11.47
CA TRP B 135 1.05 -30.72 -11.89
C TRP B 135 1.33 -30.72 -13.39
N GLY B 136 1.66 -31.91 -13.92
CA GLY B 136 1.97 -32.08 -15.32
C GLY B 136 1.38 -33.37 -15.85
N GLN B 137 1.59 -33.61 -17.14
CA GLN B 137 0.96 -34.73 -17.84
C GLN B 137 1.53 -36.08 -17.40
N GLY B 138 2.80 -36.32 -17.68
CA GLY B 138 3.43 -37.58 -17.31
C GLY B 138 4.26 -38.20 -18.41
N THR B 139 5.12 -39.15 -18.05
CA THR B 139 5.92 -39.85 -19.05
C THR B 139 6.10 -41.30 -18.61
N GLN B 140 6.28 -42.17 -19.60
CA GLN B 140 6.34 -43.61 -19.38
C GLN B 140 7.72 -44.15 -19.74
N VAL B 141 8.29 -44.94 -18.84
CA VAL B 141 9.58 -45.59 -19.06
C VAL B 141 9.42 -47.05 -18.64
N THR B 142 9.73 -47.96 -19.57
CA THR B 142 9.58 -49.39 -19.35
C THR B 142 10.94 -50.06 -19.36
N VAL B 143 11.21 -50.86 -18.33
CA VAL B 143 12.49 -51.56 -18.20
C VAL B 143 12.19 -52.98 -17.70
N SER B 144 13.04 -53.92 -18.10
CA SER B 144 12.89 -55.32 -17.71
C SER B 144 13.99 -55.74 -16.75
#